data_2NUE
#
_entry.id   2NUE
#
_cell.length_a   101.596
_cell.length_b   101.657
_cell.length_c   67.082
_cell.angle_alpha   90.00
_cell.angle_beta   103.69
_cell.angle_gamma   90.00
#
_symmetry.space_group_name_H-M   'C 1 2 1'
#
loop_
_entity.id
_entity.type
_entity.pdbx_description
1 polymer 46-MER
2 polymer 'Ribonuclease III'
3 water water
#
loop_
_entity_poly.entity_id
_entity_poly.type
_entity_poly.pdbx_seq_one_letter_code
_entity_poly.pdbx_strand_id
1 'polyribonucleotide' GGGACAAGCGCAAGGUCAUUCGCAAGAGUGGCCUUGCGCUUGUCCC C
2 'polypeptide(L)'
;MKMLEQLEKKLGYTFKDKSLLEKALTHVSYSKKEHYETLEFLGDALVNFFIVDLLVQYSPNKREGFLSPLKAYLISEEFF
NLLAQKLELHKFIRIKRGKINETIIGDVFEALWAAVYIDSGRDANFTRELFYKLFKEDILSAIKEGRVKKDYKTILQEIT
QKRWKERPEYRLISVEGPHHKKKFIVEAKIKEYRTLGEGKSKKEAEQRAAEELIKLLEESE
;
A,B
#
# COMPACT_ATOMS: atom_id res chain seq x y z
N LYS B 2 -30.90 2.21 1.47
CA LYS B 2 -32.20 2.20 2.20
C LYS B 2 -32.35 3.44 3.08
N MET B 3 -32.08 3.29 4.38
CA MET B 3 -32.20 4.40 5.31
C MET B 3 -30.83 4.98 5.67
N LEU B 4 -30.55 6.17 5.17
CA LEU B 4 -29.28 6.83 5.43
C LEU B 4 -29.25 7.41 6.84
N GLU B 5 -30.12 6.89 7.70
CA GLU B 5 -30.17 7.34 9.09
C GLU B 5 -30.03 6.15 10.03
N GLN B 6 -30.35 4.95 9.53
CA GLN B 6 -30.23 3.74 10.32
C GLN B 6 -28.74 3.44 10.48
N LEU B 7 -27.99 3.80 9.44
CA LEU B 7 -26.54 3.61 9.41
C LEU B 7 -25.85 4.60 10.34
N GLU B 8 -26.40 5.80 10.42
CA GLU B 8 -25.83 6.84 11.28
C GLU B 8 -25.93 6.40 12.73
N LYS B 9 -27.08 5.81 13.08
CA LYS B 9 -27.30 5.34 14.44
C LYS B 9 -26.23 4.32 14.82
N LYS B 10 -26.01 3.35 13.94
CA LYS B 10 -25.01 2.32 14.19
C LYS B 10 -23.64 2.98 14.38
N LEU B 11 -23.20 3.71 13.35
CA LEU B 11 -21.91 4.39 13.38
C LEU B 11 -21.68 5.26 14.62
N GLY B 12 -22.76 5.83 15.15
CA GLY B 12 -22.63 6.67 16.33
C GLY B 12 -22.23 8.07 15.93
N TYR B 13 -22.58 8.46 14.71
CA TYR B 13 -22.26 9.79 14.19
C TYR B 13 -23.44 10.33 13.39
N THR B 14 -23.79 11.59 13.65
CA THR B 14 -24.89 12.24 12.95
C THR B 14 -24.34 13.09 11.81
N PHE B 15 -24.55 12.63 10.58
CA PHE B 15 -24.07 13.35 9.41
C PHE B 15 -24.74 14.70 9.22
N LYS B 16 -23.93 15.75 9.17
CA LYS B 16 -24.43 17.10 8.97
C LYS B 16 -24.20 17.49 7.52
N ASP B 17 -24.14 16.47 6.66
CA ASP B 17 -23.94 16.63 5.22
C ASP B 17 -24.36 15.34 4.53
N LYS B 18 -25.59 14.91 4.80
CA LYS B 18 -26.15 13.68 4.23
C LYS B 18 -25.64 13.35 2.83
N SER B 19 -25.37 14.39 2.04
CA SER B 19 -24.86 14.21 0.69
C SER B 19 -23.63 13.32 0.64
N LEU B 20 -22.71 13.50 1.59
CA LEU B 20 -21.50 12.71 1.65
C LEU B 20 -21.81 11.22 1.78
N LEU B 21 -22.37 10.84 2.93
CA LEU B 21 -22.73 9.45 3.19
C LEU B 21 -23.39 8.83 1.97
N GLU B 22 -24.10 9.65 1.22
CA GLU B 22 -24.79 9.23 0.01
C GLU B 22 -23.78 8.70 -1.00
N LYS B 23 -22.82 9.56 -1.34
CA LYS B 23 -21.78 9.21 -2.31
C LYS B 23 -20.95 8.02 -1.84
N ALA B 24 -20.48 8.09 -0.60
CA ALA B 24 -19.66 7.04 -0.01
C ALA B 24 -20.30 5.65 -0.11
N LEU B 25 -21.57 5.60 -0.47
CA LEU B 25 -22.30 4.33 -0.58
C LEU B 25 -22.76 4.05 -2.00
N THR B 26 -22.76 5.07 -2.85
CA THR B 26 -23.21 4.91 -4.23
C THR B 26 -22.10 4.39 -5.14
N HIS B 27 -22.34 3.22 -5.73
CA HIS B 27 -21.37 2.59 -6.63
C HIS B 27 -21.30 3.34 -7.95
N VAL B 28 -20.45 2.85 -8.86
CA VAL B 28 -20.28 3.48 -10.17
C VAL B 28 -21.45 3.27 -11.12
N SER B 29 -21.75 2.00 -11.41
CA SER B 29 -22.85 1.67 -12.33
C SER B 29 -24.20 2.14 -11.83
N TYR B 30 -24.27 2.54 -10.56
CA TYR B 30 -25.52 3.02 -9.98
C TYR B 30 -25.64 4.52 -10.25
N SER B 31 -24.49 5.20 -10.33
CA SER B 31 -24.46 6.64 -10.58
C SER B 31 -23.07 7.08 -11.02
N LYS B 32 -22.81 7.04 -12.33
CA LYS B 32 -21.52 7.44 -12.85
C LYS B 32 -21.39 8.96 -12.85
N LYS B 33 -22.17 9.58 -11.97
CA LYS B 33 -22.18 11.03 -11.83
C LYS B 33 -21.59 11.39 -10.48
N GLU B 34 -21.84 10.55 -9.48
CA GLU B 34 -21.34 10.78 -8.12
C GLU B 34 -21.11 9.51 -7.31
N HIS B 35 -20.08 8.74 -7.65
CA HIS B 35 -19.79 7.51 -6.92
C HIS B 35 -18.77 7.71 -5.80
N TYR B 36 -18.34 6.61 -5.17
CA TYR B 36 -17.41 6.66 -4.05
C TYR B 36 -15.91 6.62 -4.37
N GLU B 37 -15.56 6.31 -5.62
CA GLU B 37 -14.16 6.22 -6.04
C GLU B 37 -13.19 7.16 -5.32
N THR B 38 -13.33 8.46 -5.55
CA THR B 38 -12.45 9.45 -4.93
C THR B 38 -12.37 9.28 -3.42
N LEU B 39 -13.53 9.12 -2.77
CA LEU B 39 -13.54 8.95 -1.32
C LEU B 39 -12.83 7.67 -0.90
N GLU B 40 -12.89 6.64 -1.73
CA GLU B 40 -12.21 5.39 -1.42
C GLU B 40 -10.73 5.67 -1.32
N PHE B 41 -10.24 6.46 -2.27
CA PHE B 41 -8.84 6.84 -2.34
C PHE B 41 -8.39 7.44 -1.00
N LEU B 42 -9.10 8.46 -0.54
CA LEU B 42 -8.76 9.11 0.72
C LEU B 42 -8.99 8.20 1.92
N GLY B 43 -10.05 7.40 1.85
CA GLY B 43 -10.37 6.51 2.94
C GLY B 43 -9.35 5.41 3.14
N ASP B 44 -8.77 4.93 2.05
CA ASP B 44 -7.77 3.88 2.12
C ASP B 44 -6.56 4.32 2.93
N ALA B 45 -6.12 5.56 2.72
CA ALA B 45 -4.97 6.10 3.43
C ALA B 45 -5.33 6.40 4.88
N LEU B 46 -6.58 6.81 5.09
CA LEU B 46 -7.07 7.15 6.41
C LEU B 46 -7.19 5.91 7.29
N VAL B 47 -7.95 4.92 6.82
CA VAL B 47 -8.15 3.68 7.57
C VAL B 47 -6.83 2.98 7.79
N ASN B 48 -5.94 3.07 6.81
CA ASN B 48 -4.63 2.44 6.90
C ASN B 48 -3.87 2.98 8.10
N PHE B 49 -3.99 4.29 8.32
CA PHE B 49 -3.32 4.94 9.44
C PHE B 49 -3.81 4.40 10.78
N PHE B 50 -5.11 4.48 11.03
CA PHE B 50 -5.68 4.00 12.28
C PHE B 50 -5.17 2.59 12.59
N ILE B 51 -5.41 1.68 11.65
CA ILE B 51 -4.99 0.28 11.79
C ILE B 51 -3.53 0.14 12.21
N VAL B 52 -2.64 0.82 11.50
CA VAL B 52 -1.21 0.76 11.79
C VAL B 52 -0.83 1.42 13.12
N ASP B 53 -1.45 2.56 13.42
CA ASP B 53 -1.14 3.26 14.67
C ASP B 53 -1.59 2.43 15.87
N LEU B 54 -2.68 1.69 15.69
CA LEU B 54 -3.21 0.85 16.75
C LEU B 54 -2.38 -0.42 16.89
N LEU B 55 -1.94 -0.96 15.76
CA LEU B 55 -1.14 -2.18 15.73
C LEU B 55 0.26 -2.00 16.30
N VAL B 56 0.81 -0.80 16.20
CA VAL B 56 2.15 -0.53 16.69
C VAL B 56 2.20 -0.39 18.22
N GLN B 57 1.03 -0.20 18.83
CA GLN B 57 0.96 -0.06 20.29
C GLN B 57 0.80 -1.44 20.92
N TYR B 58 -0.41 -1.96 20.82
CA TYR B 58 -0.75 -3.26 21.39
C TYR B 58 -0.32 -4.41 20.50
N SER B 59 0.96 -4.73 20.55
CA SER B 59 1.52 -5.81 19.74
C SER B 59 2.67 -6.49 20.47
N PRO B 60 2.75 -7.83 20.39
CA PRO B 60 3.81 -8.57 21.06
C PRO B 60 5.18 -8.03 20.67
N ASN B 61 5.67 -8.45 19.50
CA ASN B 61 6.95 -8.02 19.00
C ASN B 61 6.75 -6.72 18.21
N LYS B 62 7.82 -5.96 18.03
CA LYS B 62 7.74 -4.69 17.31
C LYS B 62 8.58 -4.67 16.03
N ARG B 63 9.25 -5.77 15.73
CA ARG B 63 10.09 -5.83 14.53
C ARG B 63 9.27 -5.83 13.25
N GLU B 64 9.77 -5.12 12.24
CA GLU B 64 9.11 -5.03 10.94
C GLU B 64 8.63 -6.37 10.44
N GLY B 65 9.54 -7.34 10.38
CA GLY B 65 9.19 -8.67 9.91
C GLY B 65 8.00 -9.30 10.62
N PHE B 66 7.66 -8.78 11.80
CA PHE B 66 6.55 -9.32 12.56
C PHE B 66 5.28 -8.50 12.36
N LEU B 67 5.41 -7.19 12.26
CA LEU B 67 4.26 -6.32 12.08
C LEU B 67 3.67 -6.38 10.67
N SER B 68 4.51 -6.66 9.69
CA SER B 68 4.04 -6.74 8.31
C SER B 68 2.98 -7.82 8.08
N PRO B 69 3.19 -9.03 8.63
CA PRO B 69 2.22 -10.12 8.46
C PRO B 69 0.85 -9.79 9.04
N LEU B 70 0.83 -9.08 10.16
CA LEU B 70 -0.42 -8.68 10.79
C LEU B 70 -1.12 -7.63 9.95
N LYS B 71 -0.44 -6.50 9.72
CA LYS B 71 -1.01 -5.42 8.92
C LYS B 71 -1.53 -5.94 7.57
N ALA B 72 -0.94 -7.02 7.10
CA ALA B 72 -1.35 -7.61 5.82
C ALA B 72 -2.78 -8.14 5.92
N TYR B 73 -3.18 -8.54 7.13
CA TYR B 73 -4.52 -9.05 7.37
C TYR B 73 -5.42 -7.92 7.87
N LEU B 74 -4.88 -7.08 8.74
CA LEU B 74 -5.64 -5.97 9.30
C LEU B 74 -6.19 -5.04 8.22
N ILE B 75 -5.61 -5.08 7.03
CA ILE B 75 -6.09 -4.24 5.94
C ILE B 75 -6.47 -5.07 4.73
N SER B 76 -6.63 -6.37 4.93
CA SER B 76 -7.01 -7.26 3.84
C SER B 76 -8.51 -7.16 3.60
N GLU B 77 -8.96 -7.53 2.41
CA GLU B 77 -10.37 -7.47 2.07
C GLU B 77 -11.20 -8.28 3.05
N GLU B 78 -10.68 -9.44 3.47
CA GLU B 78 -11.38 -10.30 4.40
C GLU B 78 -11.68 -9.55 5.70
N PHE B 79 -10.63 -9.15 6.40
CA PHE B 79 -10.79 -8.43 7.66
C PHE B 79 -11.62 -7.15 7.53
N PHE B 80 -11.64 -6.57 6.34
CA PHE B 80 -12.41 -5.36 6.12
C PHE B 80 -13.89 -5.69 5.96
N ASN B 81 -14.18 -6.93 5.61
CA ASN B 81 -15.57 -7.37 5.47
C ASN B 81 -16.15 -7.69 6.84
N LEU B 82 -15.34 -8.30 7.70
CA LEU B 82 -15.77 -8.65 9.04
C LEU B 82 -16.14 -7.43 9.85
N LEU B 83 -15.54 -6.29 9.54
CA LEU B 83 -15.84 -5.05 10.24
C LEU B 83 -17.01 -4.34 9.59
N ALA B 84 -17.21 -4.61 8.30
CA ALA B 84 -18.32 -4.00 7.56
C ALA B 84 -19.62 -4.69 7.96
N GLN B 85 -19.57 -6.01 8.09
CA GLN B 85 -20.74 -6.78 8.47
C GLN B 85 -21.29 -6.26 9.79
N LYS B 86 -20.39 -5.85 10.68
CA LYS B 86 -20.77 -5.33 11.98
C LYS B 86 -21.49 -4.00 11.84
N LEU B 87 -21.80 -3.63 10.61
CA LEU B 87 -22.51 -2.40 10.32
C LEU B 87 -23.62 -2.70 9.31
N GLU B 88 -23.63 -3.93 8.81
CA GLU B 88 -24.63 -4.35 7.84
C GLU B 88 -24.56 -3.40 6.65
N LEU B 89 -23.33 -3.04 6.28
CA LEU B 89 -23.08 -2.12 5.18
C LEU B 89 -23.63 -2.60 3.85
N HIS B 90 -23.64 -3.91 3.64
CA HIS B 90 -24.16 -4.48 2.39
C HIS B 90 -25.63 -4.19 2.17
N LYS B 91 -26.27 -3.57 3.17
CA LYS B 91 -27.69 -3.24 3.06
C LYS B 91 -27.93 -1.76 2.79
N PHE B 92 -26.86 -0.98 2.70
CA PHE B 92 -26.98 0.44 2.44
C PHE B 92 -26.37 0.84 1.10
N ILE B 93 -25.68 -0.09 0.47
CA ILE B 93 -25.02 0.17 -0.81
C ILE B 93 -25.96 0.37 -1.99
N ARG B 94 -25.67 1.42 -2.76
CA ARG B 94 -26.44 1.76 -3.95
C ARG B 94 -25.66 1.27 -5.17
N ILE B 95 -26.10 0.15 -5.73
CA ILE B 95 -25.45 -0.44 -6.89
C ILE B 95 -26.41 -1.32 -7.67
N LYS B 96 -26.09 -1.65 -8.90
CA LYS B 96 -26.94 -2.53 -9.68
C LYS B 96 -26.85 -3.89 -9.02
N ARG B 97 -27.89 -4.70 -9.18
CA ARG B 97 -27.91 -6.04 -8.60
C ARG B 97 -26.99 -7.01 -9.35
N GLY B 98 -26.63 -8.10 -8.69
CA GLY B 98 -25.78 -9.10 -9.31
C GLY B 98 -24.53 -8.52 -9.93
N LYS B 99 -23.81 -7.72 -9.15
CA LYS B 99 -22.59 -7.07 -9.61
C LYS B 99 -21.73 -6.74 -8.40
N ILE B 100 -22.31 -6.83 -7.21
CA ILE B 100 -21.60 -6.52 -5.98
C ILE B 100 -20.92 -7.71 -5.33
N ASN B 101 -19.66 -7.51 -4.97
CA ASN B 101 -18.88 -8.55 -4.32
C ASN B 101 -18.28 -7.96 -3.06
N GLU B 102 -17.37 -8.69 -2.43
CA GLU B 102 -16.74 -8.26 -1.19
C GLU B 102 -15.72 -7.15 -1.40
N THR B 103 -15.13 -7.07 -2.58
CA THR B 103 -14.16 -6.02 -2.88
C THR B 103 -14.88 -4.70 -2.71
N ILE B 104 -15.97 -4.54 -3.46
CA ILE B 104 -16.78 -3.33 -3.43
C ILE B 104 -17.18 -2.92 -2.01
N ILE B 105 -17.44 -3.92 -1.16
CA ILE B 105 -17.82 -3.63 0.22
C ILE B 105 -16.67 -2.90 0.91
N GLY B 106 -15.45 -3.43 0.73
CA GLY B 106 -14.28 -2.81 1.33
C GLY B 106 -14.11 -1.38 0.89
N ASP B 107 -14.15 -1.16 -0.43
CA ASP B 107 -14.02 0.18 -0.99
C ASP B 107 -15.01 1.12 -0.31
N VAL B 108 -16.24 0.65 -0.16
CA VAL B 108 -17.28 1.44 0.47
C VAL B 108 -16.96 1.69 1.94
N PHE B 109 -16.37 0.68 2.59
CA PHE B 109 -15.99 0.84 3.98
C PHE B 109 -15.03 2.00 4.17
N GLU B 110 -14.01 2.05 3.33
CA GLU B 110 -13.01 3.10 3.37
C GLU B 110 -13.66 4.40 2.96
N ALA B 111 -14.36 4.36 1.83
CA ALA B 111 -15.06 5.53 1.32
C ALA B 111 -15.93 6.12 2.42
N LEU B 112 -16.40 5.25 3.32
CA LEU B 112 -17.24 5.67 4.42
C LEU B 112 -16.53 6.59 5.39
N TRP B 113 -15.46 6.10 5.99
CA TRP B 113 -14.70 6.90 6.96
C TRP B 113 -14.05 8.10 6.31
N ALA B 114 -13.85 8.04 4.99
CA ALA B 114 -13.31 9.18 4.28
C ALA B 114 -14.35 10.28 4.41
N ALA B 115 -15.63 9.89 4.32
CA ALA B 115 -16.79 10.82 4.39
C ALA B 115 -16.95 11.40 5.79
N VAL B 116 -16.79 10.58 6.81
CA VAL B 116 -16.92 11.05 8.18
C VAL B 116 -15.79 12.01 8.49
N TYR B 117 -14.61 11.71 7.94
CA TYR B 117 -13.43 12.55 8.14
C TYR B 117 -13.69 13.94 7.60
N ILE B 118 -14.16 14.01 6.36
CA ILE B 118 -14.46 15.28 5.72
C ILE B 118 -15.57 15.98 6.48
N ASP B 119 -16.73 15.33 6.56
CA ASP B 119 -17.90 15.87 7.25
C ASP B 119 -17.56 16.53 8.59
N SER B 120 -16.86 15.80 9.45
CA SER B 120 -16.50 16.33 10.76
C SER B 120 -15.47 17.44 10.66
N GLY B 121 -15.31 18.01 9.47
CA GLY B 121 -14.35 19.08 9.28
C GLY B 121 -12.92 18.57 9.33
N ARG B 122 -12.68 17.45 8.65
CA ARG B 122 -11.37 16.83 8.61
C ARG B 122 -10.71 16.74 9.98
N ASP B 123 -11.47 16.24 10.95
CA ASP B 123 -10.96 16.10 12.31
C ASP B 123 -10.40 14.69 12.50
N ALA B 124 -9.09 14.57 12.36
CA ALA B 124 -8.43 13.28 12.52
C ALA B 124 -8.72 12.68 13.89
N ASN B 125 -8.11 13.25 14.92
CA ASN B 125 -8.28 12.79 16.30
C ASN B 125 -9.67 12.28 16.61
N PHE B 126 -10.69 13.02 16.18
CA PHE B 126 -12.07 12.62 16.42
C PHE B 126 -12.40 11.31 15.71
N THR B 127 -12.33 11.33 14.39
CA THR B 127 -12.61 10.16 13.57
C THR B 127 -11.83 8.95 14.07
N ARG B 128 -10.59 9.19 14.50
CA ARG B 128 -9.73 8.14 15.01
C ARG B 128 -10.39 7.48 16.22
N GLU B 129 -10.88 8.31 17.12
CA GLU B 129 -11.55 7.83 18.33
C GLU B 129 -12.85 7.15 17.94
N LEU B 130 -13.60 7.78 17.04
CA LEU B 130 -14.86 7.22 16.58
C LEU B 130 -14.63 5.87 15.91
N PHE B 131 -13.40 5.66 15.43
CA PHE B 131 -13.04 4.41 14.77
C PHE B 131 -12.77 3.31 15.79
N TYR B 132 -12.05 3.65 16.85
CA TYR B 132 -11.74 2.68 17.90
C TYR B 132 -13.00 2.28 18.66
N LYS B 133 -13.86 3.26 18.93
CA LYS B 133 -15.10 3.02 19.65
C LYS B 133 -16.02 2.05 18.93
N LEU B 134 -15.53 1.43 17.87
CA LEU B 134 -16.33 0.48 17.11
C LEU B 134 -15.58 -0.79 16.76
N PHE B 135 -14.29 -0.65 16.43
CA PHE B 135 -13.50 -1.80 16.04
C PHE B 135 -12.20 -2.05 16.83
N LYS B 136 -11.81 -1.11 17.68
CA LYS B 136 -10.57 -1.29 18.44
C LYS B 136 -10.42 -2.68 19.04
N GLU B 137 -11.47 -3.15 19.71
CA GLU B 137 -11.43 -4.47 20.33
C GLU B 137 -11.45 -5.58 19.28
N ASP B 138 -12.16 -5.35 18.19
CA ASP B 138 -12.24 -6.33 17.11
C ASP B 138 -10.88 -6.45 16.44
N ILE B 139 -10.07 -5.40 16.57
CA ILE B 139 -8.74 -5.37 15.99
C ILE B 139 -7.72 -6.00 16.96
N LEU B 140 -7.71 -5.51 18.19
CA LEU B 140 -6.81 -6.04 19.20
C LEU B 140 -6.94 -7.54 19.28
N SER B 141 -8.17 -8.03 19.15
CA SER B 141 -8.45 -9.46 19.20
C SER B 141 -7.66 -10.19 18.12
N ALA B 142 -7.83 -9.76 16.87
CA ALA B 142 -7.13 -10.36 15.74
C ALA B 142 -5.64 -10.43 16.05
N ILE B 143 -5.14 -9.38 16.69
CA ILE B 143 -3.74 -9.30 17.07
C ILE B 143 -3.46 -10.36 18.14
N LYS B 144 -4.10 -10.21 19.29
CA LYS B 144 -3.94 -11.15 20.40
C LYS B 144 -3.97 -12.59 19.90
N GLU B 145 -4.92 -12.89 19.01
CA GLU B 145 -5.04 -14.23 18.46
C GLU B 145 -3.80 -14.59 17.67
N GLY B 146 -3.43 -13.73 16.73
CA GLY B 146 -2.25 -13.98 15.93
C GLY B 146 -2.53 -14.00 14.44
N ARG B 147 -3.73 -13.61 14.05
CA ARG B 147 -4.13 -13.58 12.65
C ARG B 147 -3.11 -12.83 11.78
N VAL B 148 -2.70 -13.45 10.68
CA VAL B 148 -1.74 -12.85 9.76
C VAL B 148 -1.96 -13.34 8.33
N LYS B 149 -1.27 -12.73 7.39
CA LYS B 149 -1.39 -13.11 5.98
C LYS B 149 -0.20 -13.98 5.61
N LYS B 150 -0.37 -15.29 5.78
CA LYS B 150 0.67 -16.25 5.47
C LYS B 150 1.22 -16.04 4.06
N ASP B 151 2.50 -16.34 3.87
CA ASP B 151 3.12 -16.19 2.56
C ASP B 151 2.64 -17.28 1.63
N TYR B 152 2.92 -17.12 0.35
CA TYR B 152 2.50 -18.07 -0.66
C TYR B 152 2.88 -19.52 -0.37
N LYS B 153 4.17 -19.84 -0.36
CA LYS B 153 4.58 -21.22 -0.09
C LYS B 153 3.83 -21.79 1.10
N THR B 154 3.64 -20.99 2.13
CA THR B 154 2.92 -21.45 3.32
C THR B 154 1.48 -21.79 2.97
N ILE B 155 0.82 -20.84 2.31
CA ILE B 155 -0.56 -21.03 1.89
C ILE B 155 -0.72 -22.29 1.05
N LEU B 156 0.01 -22.37 -0.05
CA LEU B 156 -0.07 -23.51 -0.93
C LEU B 156 0.14 -24.82 -0.18
N GLN B 157 0.91 -24.78 0.90
CA GLN B 157 1.16 -25.98 1.68
C GLN B 157 -0.10 -26.40 2.42
N GLU B 158 -0.67 -25.47 3.17
CA GLU B 158 -1.88 -25.73 3.95
C GLU B 158 -3.03 -26.20 3.06
N ILE B 159 -3.03 -25.74 1.81
CA ILE B 159 -4.07 -26.12 0.86
C ILE B 159 -3.87 -27.56 0.41
N THR B 160 -2.71 -27.83 -0.17
CA THR B 160 -2.39 -29.17 -0.66
C THR B 160 -2.54 -30.24 0.41
N GLN B 161 -2.18 -29.92 1.65
CA GLN B 161 -2.27 -30.88 2.74
C GLN B 161 -3.71 -31.13 3.16
N LYS B 162 -4.52 -30.08 3.19
CA LYS B 162 -5.93 -30.22 3.58
C LYS B 162 -6.78 -30.41 2.33
N ARG B 163 -6.43 -31.41 1.53
CA ARG B 163 -7.16 -31.71 0.30
C ARG B 163 -6.55 -32.93 -0.38
N TRP B 164 -5.32 -33.26 0.01
CA TRP B 164 -4.60 -34.41 -0.53
C TRP B 164 -3.62 -34.91 0.52
N LYS B 165 -3.49 -34.17 1.60
CA LYS B 165 -2.58 -34.52 2.68
C LYS B 165 -1.17 -34.72 2.12
N GLU B 166 -0.90 -34.07 0.99
CA GLU B 166 0.40 -34.16 0.33
C GLU B 166 0.97 -32.74 0.26
N ARG B 167 2.25 -32.64 -0.06
CA ARG B 167 2.92 -31.34 -0.17
C ARG B 167 3.36 -31.07 -1.61
N PRO B 168 3.76 -29.82 -1.89
CA PRO B 168 4.21 -29.46 -3.24
C PRO B 168 5.67 -29.84 -3.42
N GLU B 169 6.11 -29.99 -4.66
CA GLU B 169 7.50 -30.35 -4.94
C GLU B 169 8.17 -29.27 -5.79
N TYR B 170 9.18 -28.61 -5.21
CA TYR B 170 9.90 -27.57 -5.93
C TYR B 170 11.19 -28.12 -6.54
N ARG B 171 11.42 -27.80 -7.81
CA ARG B 171 12.60 -28.25 -8.53
C ARG B 171 13.24 -27.14 -9.34
N LEU B 172 14.50 -26.85 -9.05
CA LEU B 172 15.23 -25.83 -9.79
C LEU B 172 15.44 -26.40 -11.18
N ILE B 173 15.27 -25.57 -12.20
CA ILE B 173 15.46 -26.05 -13.57
C ILE B 173 16.57 -25.30 -14.29
N SER B 174 16.96 -24.14 -13.75
CA SER B 174 18.03 -23.36 -14.37
C SER B 174 18.50 -22.17 -13.52
N VAL B 175 19.75 -21.80 -13.72
CA VAL B 175 20.36 -20.67 -13.02
C VAL B 175 21.16 -19.87 -14.04
N GLU B 176 20.79 -18.60 -14.24
CA GLU B 176 21.47 -17.76 -15.20
C GLU B 176 22.16 -16.56 -14.55
N GLY B 177 23.13 -16.00 -15.26
CA GLY B 177 23.85 -14.84 -14.76
C GLY B 177 24.97 -15.11 -13.79
N PRO B 178 25.71 -14.05 -13.40
CA PRO B 178 26.84 -14.09 -12.46
C PRO B 178 26.40 -14.37 -11.03
N HIS B 179 27.31 -14.90 -10.23
CA HIS B 179 27.02 -15.25 -8.85
C HIS B 179 26.49 -14.11 -7.97
N HIS B 180 27.21 -13.00 -7.92
CA HIS B 180 26.79 -11.87 -7.09
C HIS B 180 25.39 -11.39 -7.46
N LYS B 181 24.91 -11.78 -8.63
CA LYS B 181 23.58 -11.39 -9.10
C LYS B 181 23.08 -12.37 -10.16
N LYS B 182 22.39 -13.43 -9.71
CA LYS B 182 21.88 -14.44 -10.62
C LYS B 182 20.37 -14.58 -10.49
N LYS B 183 19.74 -15.16 -11.51
CA LYS B 183 18.29 -15.37 -11.50
C LYS B 183 17.95 -16.86 -11.54
N PHE B 184 17.17 -17.29 -10.55
CA PHE B 184 16.76 -18.68 -10.43
C PHE B 184 15.40 -18.94 -11.08
N ILE B 185 15.18 -20.18 -11.50
CA ILE B 185 13.93 -20.58 -12.13
C ILE B 185 13.48 -21.93 -11.59
N VAL B 186 12.62 -21.91 -10.58
CA VAL B 186 12.11 -23.13 -9.97
C VAL B 186 10.80 -23.58 -10.61
N GLU B 187 10.41 -24.80 -10.29
CA GLU B 187 9.18 -25.41 -10.80
C GLU B 187 8.35 -25.96 -9.66
N ALA B 188 7.15 -25.44 -9.48
CA ALA B 188 6.26 -25.91 -8.42
C ALA B 188 5.27 -26.91 -9.01
N LYS B 189 5.17 -28.09 -8.41
CA LYS B 189 4.25 -29.11 -8.91
C LYS B 189 3.57 -29.94 -7.84
N ILE B 190 2.31 -30.22 -8.07
CA ILE B 190 1.52 -31.01 -7.16
C ILE B 190 0.50 -31.73 -7.98
N LYS B 191 0.57 -33.07 -7.98
CA LYS B 191 -0.37 -33.76 -8.82
C LYS B 191 -0.03 -33.50 -10.24
N GLU B 192 -1.02 -33.02 -10.92
CA GLU B 192 -0.87 -32.76 -12.31
C GLU B 192 -0.65 -31.32 -12.68
N TYR B 193 -0.57 -30.45 -11.68
CA TYR B 193 -0.37 -29.03 -11.90
C TYR B 193 1.12 -28.70 -11.87
N ARG B 194 1.51 -27.66 -12.60
CA ARG B 194 2.92 -27.24 -12.63
C ARG B 194 3.09 -25.83 -13.17
N THR B 195 3.78 -25.00 -12.41
CA THR B 195 4.03 -23.62 -12.79
C THR B 195 5.51 -23.27 -12.67
N LEU B 196 5.87 -22.08 -13.12
CA LEU B 196 7.25 -21.62 -13.06
C LEU B 196 7.35 -20.32 -12.26
N GLY B 197 8.56 -19.95 -11.87
CA GLY B 197 8.75 -18.73 -11.11
C GLY B 197 10.17 -18.22 -11.13
N GLU B 198 10.35 -16.99 -11.62
CA GLU B 198 11.67 -16.37 -11.68
C GLU B 198 11.95 -15.66 -10.37
N GLY B 199 13.19 -15.73 -9.91
CA GLY B 199 13.54 -15.09 -8.64
C GLY B 199 15.02 -14.86 -8.44
N LYS B 200 15.35 -13.77 -7.74
CA LYS B 200 16.74 -13.45 -7.46
C LYS B 200 17.37 -14.61 -6.70
N SER B 201 16.55 -15.29 -5.91
CA SER B 201 17.02 -16.44 -5.12
C SER B 201 16.07 -17.63 -5.25
N LYS B 202 16.53 -18.79 -4.82
CA LYS B 202 15.73 -20.02 -4.87
C LYS B 202 14.36 -19.78 -4.26
N LYS B 203 14.33 -19.49 -2.97
CA LYS B 203 13.09 -19.26 -2.26
C LYS B 203 12.20 -18.25 -2.96
N GLU B 204 12.78 -17.11 -3.32
CA GLU B 204 12.01 -16.07 -4.00
C GLU B 204 11.38 -16.59 -5.28
N ALA B 205 12.08 -17.50 -5.96
CA ALA B 205 11.58 -18.09 -7.19
C ALA B 205 10.44 -19.05 -6.90
N GLU B 206 10.51 -19.68 -5.74
CA GLU B 206 9.49 -20.65 -5.33
C GLU B 206 8.20 -19.93 -4.94
N GLN B 207 8.33 -18.87 -4.14
CA GLN B 207 7.17 -18.09 -3.72
C GLN B 207 6.36 -17.71 -4.96
N ARG B 208 7.08 -17.44 -6.05
CA ARG B 208 6.48 -17.06 -7.32
C ARG B 208 5.73 -18.23 -7.94
N ALA B 209 6.43 -19.34 -8.11
CA ALA B 209 5.83 -20.54 -8.69
C ALA B 209 4.64 -21.01 -7.84
N ALA B 210 4.67 -20.68 -6.56
CA ALA B 210 3.61 -21.06 -5.65
C ALA B 210 2.38 -20.20 -5.87
N GLU B 211 2.59 -18.89 -5.90
CA GLU B 211 1.52 -17.94 -6.11
C GLU B 211 0.74 -18.31 -7.36
N GLU B 212 1.47 -18.73 -8.40
CA GLU B 212 0.87 -19.11 -9.67
C GLU B 212 0.10 -20.42 -9.57
N LEU B 213 0.58 -21.32 -8.71
CA LEU B 213 -0.06 -22.61 -8.54
C LEU B 213 -1.36 -22.43 -7.77
N ILE B 214 -1.33 -21.57 -6.75
CA ILE B 214 -2.53 -21.29 -5.96
C ILE B 214 -3.64 -20.89 -6.91
N LYS B 215 -3.35 -19.92 -7.77
CA LYS B 215 -4.33 -19.45 -8.75
C LYS B 215 -4.87 -20.63 -9.53
N LEU B 216 -3.95 -21.49 -9.97
CA LEU B 216 -4.32 -22.67 -10.75
C LEU B 216 -5.27 -23.58 -9.97
N LEU B 217 -5.07 -23.67 -8.66
CA LEU B 217 -5.92 -24.51 -7.82
C LEU B 217 -7.29 -23.88 -7.58
N GLU B 218 -7.40 -22.58 -7.82
CA GLU B 218 -8.65 -21.87 -7.61
C GLU B 218 -9.61 -22.11 -8.77
N GLU B 219 -10.02 -23.37 -8.94
CA GLU B 219 -10.94 -23.74 -10.01
C GLU B 219 -11.90 -24.83 -9.55
N SER B 220 -11.39 -26.05 -9.39
CA SER B 220 -12.22 -27.17 -8.96
C SER B 220 -11.39 -28.38 -8.54
N GLU B 221 -12.08 -29.43 -8.10
CA GLU B 221 -11.44 -30.67 -7.67
C GLU B 221 -11.80 -31.82 -8.60
N MET C 1 23.01 15.94 22.06
CA MET C 1 21.80 16.69 22.48
C MET C 1 21.77 18.06 21.84
N LYS C 2 22.92 18.73 21.80
CA LYS C 2 23.01 20.06 21.20
C LYS C 2 22.58 20.01 19.74
N MET C 3 22.78 18.85 19.10
CA MET C 3 22.40 18.68 17.70
C MET C 3 20.89 18.43 17.65
N LEU C 4 20.42 17.52 18.50
CA LEU C 4 18.99 17.18 18.57
C LEU C 4 18.21 18.37 19.11
N GLU C 5 18.84 19.53 19.11
CA GLU C 5 18.22 20.76 19.59
C GLU C 5 18.15 21.76 18.45
N GLN C 6 18.91 21.47 17.39
CA GLN C 6 18.94 22.32 16.20
C GLN C 6 17.77 21.92 15.32
N LEU C 7 17.60 20.61 15.13
CA LEU C 7 16.52 20.07 14.32
C LEU C 7 15.15 20.53 14.82
N GLU C 8 15.04 20.64 16.14
CA GLU C 8 13.79 21.08 16.76
C GLU C 8 13.45 22.49 16.28
N LYS C 9 14.48 23.33 16.21
CA LYS C 9 14.31 24.72 15.78
C LYS C 9 13.84 24.76 14.33
N LYS C 10 14.43 23.90 13.51
CA LYS C 10 14.10 23.82 12.08
C LYS C 10 12.69 23.27 11.89
N LEU C 11 12.35 22.28 12.71
CA LEU C 11 11.06 21.62 12.65
C LEU C 11 9.93 22.54 13.12
N GLY C 12 10.15 23.24 14.22
CA GLY C 12 9.14 24.13 14.74
C GLY C 12 8.36 23.44 15.85
N TYR C 13 9.00 22.49 16.50
CA TYR C 13 8.39 21.74 17.59
C TYR C 13 9.41 21.36 18.65
N THR C 14 9.07 21.62 19.90
CA THR C 14 9.97 21.30 21.02
C THR C 14 9.61 19.93 21.59
N PHE C 15 10.53 18.97 21.45
CA PHE C 15 10.32 17.62 21.95
C PHE C 15 10.32 17.53 23.47
N LYS C 16 9.18 17.15 24.03
CA LYS C 16 9.04 17.02 25.48
C LYS C 16 9.64 15.70 25.93
N ASP C 17 10.18 14.95 24.98
CA ASP C 17 10.80 13.65 25.26
C ASP C 17 11.83 13.35 24.17
N LYS C 18 12.96 14.05 24.23
CA LYS C 18 14.02 13.88 23.24
C LYS C 18 14.42 12.43 22.99
N SER C 19 14.03 11.53 23.89
CA SER C 19 14.36 10.12 23.74
C SER C 19 13.80 9.57 22.43
N LEU C 20 12.68 10.14 21.99
CA LEU C 20 12.03 9.72 20.75
C LEU C 20 12.83 10.19 19.55
N LEU C 21 12.99 11.51 19.44
CA LEU C 21 13.74 12.12 18.33
C LEU C 21 15.06 11.39 18.11
N GLU C 22 15.65 10.91 19.20
CA GLU C 22 16.92 10.18 19.13
C GLU C 22 16.74 8.92 18.31
N LYS C 23 15.82 8.06 18.74
CA LYS C 23 15.54 6.80 18.09
C LYS C 23 15.05 7.00 16.65
N ALA C 24 14.46 8.15 16.40
CA ALA C 24 13.94 8.49 15.07
C ALA C 24 15.07 8.92 14.13
N LEU C 25 16.30 8.80 14.60
CA LEU C 25 17.47 9.18 13.80
C LEU C 25 18.55 8.11 13.88
N THR C 26 18.43 7.21 14.86
CA THR C 26 19.39 6.14 15.04
C THR C 26 19.12 4.98 14.08
N HIS C 27 20.13 4.60 13.31
CA HIS C 27 20.00 3.51 12.36
C HIS C 27 20.07 2.16 13.11
N VAL C 28 20.13 1.07 12.37
CA VAL C 28 20.20 -0.25 12.99
C VAL C 28 21.63 -0.58 13.43
N SER C 29 22.58 -0.39 12.53
CA SER C 29 23.98 -0.64 12.84
C SER C 29 24.38 0.18 14.06
N TYR C 30 24.13 1.48 13.97
CA TYR C 30 24.45 2.41 15.05
C TYR C 30 24.08 1.83 16.41
N SER C 31 22.83 1.35 16.53
CA SER C 31 22.36 0.77 17.78
C SER C 31 21.25 -0.25 17.58
N LYS C 32 21.61 -1.53 17.63
CA LYS C 32 20.63 -2.60 17.46
C LYS C 32 19.60 -2.52 18.58
N LYS C 33 20.06 -2.15 19.76
CA LYS C 33 19.19 -2.04 20.92
C LYS C 33 17.99 -1.13 20.68
N GLU C 34 18.21 0.03 20.08
CA GLU C 34 17.14 0.97 19.79
C GLU C 34 17.33 1.71 18.47
N HIS C 35 16.56 1.31 17.46
CA HIS C 35 16.62 1.94 16.14
C HIS C 35 15.28 2.52 15.71
N TYR C 36 15.25 3.09 14.51
CA TYR C 36 14.05 3.73 13.97
C TYR C 36 13.14 2.79 13.17
N GLU C 37 13.46 1.51 13.14
CA GLU C 37 12.67 0.54 12.39
C GLU C 37 11.16 0.64 12.63
N THR C 38 10.74 0.34 13.86
CA THR C 38 9.33 0.37 14.21
C THR C 38 8.68 1.71 13.96
N LEU C 39 9.42 2.79 14.21
CA LEU C 39 8.88 4.13 14.00
C LEU C 39 8.65 4.45 12.53
N GLU C 40 9.49 3.91 11.65
CA GLU C 40 9.30 4.17 10.23
C GLU C 40 8.06 3.44 9.73
N PHE C 41 7.70 2.38 10.44
CA PHE C 41 6.53 1.59 10.08
C PHE C 41 5.27 2.40 10.35
N LEU C 42 5.29 3.15 11.45
CA LEU C 42 4.15 3.98 11.80
C LEU C 42 4.18 5.28 11.00
N GLY C 43 5.35 5.89 10.90
CA GLY C 43 5.48 7.13 10.16
C GLY C 43 5.12 6.97 8.70
N ASP C 44 5.32 5.77 8.17
CA ASP C 44 5.01 5.48 6.77
C ASP C 44 3.52 5.66 6.52
N ALA C 45 2.71 5.06 7.40
CA ALA C 45 1.26 5.14 7.28
C ALA C 45 0.71 6.49 7.72
N LEU C 46 1.54 7.29 8.39
CA LEU C 46 1.11 8.61 8.85
C LEU C 46 1.46 9.69 7.84
N VAL C 47 2.65 9.59 7.25
CA VAL C 47 3.10 10.55 6.24
C VAL C 47 2.27 10.38 4.99
N ASN C 48 1.82 9.15 4.76
CA ASN C 48 1.01 8.83 3.59
C ASN C 48 -0.31 9.57 3.69
N PHE C 49 -0.92 9.55 4.87
CA PHE C 49 -2.20 10.22 5.09
C PHE C 49 -2.15 11.71 4.77
N PHE C 50 -1.20 12.42 5.38
CA PHE C 50 -1.05 13.86 5.15
C PHE C 50 -0.99 14.17 3.66
N ILE C 51 -0.16 13.43 2.94
CA ILE C 51 0.01 13.63 1.50
C ILE C 51 -1.28 13.40 0.74
N VAL C 52 -1.86 12.21 0.88
CA VAL C 52 -3.09 11.87 0.17
C VAL C 52 -4.21 12.85 0.47
N ASP C 53 -4.45 13.13 1.75
CA ASP C 53 -5.50 14.06 2.12
C ASP C 53 -5.29 15.38 1.40
N LEU C 54 -4.07 15.88 1.44
CA LEU C 54 -3.73 17.14 0.79
C LEU C 54 -3.91 17.05 -0.73
N LEU C 55 -3.54 15.91 -1.30
CA LEU C 55 -3.64 15.68 -2.74
C LEU C 55 -5.07 15.74 -3.27
N VAL C 56 -5.99 15.04 -2.61
CA VAL C 56 -7.38 15.02 -3.03
C VAL C 56 -8.03 16.39 -2.98
N GLN C 57 -7.46 17.30 -2.20
CA GLN C 57 -8.01 18.65 -2.08
C GLN C 57 -7.56 19.54 -3.24
N TYR C 58 -6.26 19.85 -3.26
CA TYR C 58 -5.69 20.70 -4.31
C TYR C 58 -5.25 19.88 -5.51
N SER C 59 -6.20 19.46 -6.33
CA SER C 59 -5.87 18.67 -7.52
C SER C 59 -6.82 19.01 -8.66
N PRO C 60 -6.29 19.10 -9.89
CA PRO C 60 -7.12 19.42 -11.04
C PRO C 60 -8.29 18.44 -11.18
N ASN C 61 -7.97 17.18 -11.47
CA ASN C 61 -8.97 16.14 -11.62
C ASN C 61 -9.07 15.38 -10.30
N LYS C 62 -10.01 14.43 -10.21
CA LYS C 62 -10.16 13.66 -8.99
C LYS C 62 -10.27 12.15 -9.22
N ARG C 63 -10.44 11.74 -10.47
CA ARG C 63 -10.54 10.33 -10.78
C ARG C 63 -9.31 9.60 -10.24
N GLU C 64 -9.45 8.30 -10.03
CA GLU C 64 -8.38 7.48 -9.50
C GLU C 64 -7.16 7.42 -10.42
N GLY C 65 -7.38 7.07 -11.68
CA GLY C 65 -6.29 6.97 -12.63
C GLY C 65 -5.55 8.27 -12.88
N PHE C 66 -5.97 9.32 -12.17
CA PHE C 66 -5.34 10.63 -12.31
C PHE C 66 -4.61 10.99 -11.03
N LEU C 67 -5.01 10.38 -9.92
CA LEU C 67 -4.38 10.66 -8.64
C LEU C 67 -3.25 9.68 -8.33
N SER C 68 -3.38 8.43 -8.79
CA SER C 68 -2.36 7.43 -8.54
C SER C 68 -0.97 7.89 -8.92
N PRO C 69 -0.77 8.30 -10.19
CA PRO C 69 0.55 8.76 -10.63
C PRO C 69 1.13 9.85 -9.72
N LEU C 70 0.30 10.82 -9.34
CA LEU C 70 0.73 11.89 -8.46
C LEU C 70 1.25 11.31 -7.15
N LYS C 71 0.35 10.67 -6.41
CA LYS C 71 0.71 10.06 -5.13
C LYS C 71 1.96 9.20 -5.25
N ALA C 72 2.16 8.60 -6.42
CA ALA C 72 3.32 7.74 -6.65
C ALA C 72 4.62 8.51 -6.47
N TYR C 73 4.56 9.80 -6.79
CA TYR C 73 5.72 10.67 -6.69
C TYR C 73 5.82 11.31 -5.30
N LEU C 74 4.70 11.81 -4.80
CA LEU C 74 4.65 12.47 -3.50
C LEU C 74 5.12 11.59 -2.34
N ILE C 75 5.13 10.28 -2.53
CA ILE C 75 5.58 9.37 -1.49
C ILE C 75 6.80 8.62 -2.01
N SER C 76 7.37 9.15 -3.09
CA SER C 76 8.55 8.57 -3.73
C SER C 76 9.80 8.82 -2.90
N GLU C 77 10.78 7.95 -3.05
CA GLU C 77 12.04 8.10 -2.33
C GLU C 77 12.63 9.45 -2.74
N GLU C 78 12.43 9.79 -4.01
CA GLU C 78 12.93 11.03 -4.58
C GLU C 78 12.30 12.25 -3.92
N PHE C 79 10.97 12.33 -3.92
CA PHE C 79 10.27 13.46 -3.33
C PHE C 79 10.50 13.59 -1.82
N PHE C 80 10.65 12.46 -1.14
CA PHE C 80 10.89 12.46 0.30
C PHE C 80 12.21 13.14 0.61
N ASN C 81 13.24 12.83 -0.17
CA ASN C 81 14.56 13.42 0.02
C ASN C 81 14.48 14.93 -0.14
N LEU C 82 13.80 15.37 -1.20
CA LEU C 82 13.65 16.80 -1.47
C LEU C 82 13.08 17.53 -0.26
N LEU C 83 12.26 16.82 0.52
CA LEU C 83 11.65 17.41 1.71
C LEU C 83 12.59 17.34 2.91
N ALA C 84 13.30 16.22 3.03
CA ALA C 84 14.24 16.02 4.12
C ALA C 84 15.39 17.03 4.01
N GLN C 85 15.90 17.20 2.79
CA GLN C 85 17.00 18.12 2.54
C GLN C 85 16.66 19.54 3.01
N LYS C 86 15.37 19.81 3.16
CA LYS C 86 14.92 21.13 3.61
C LYS C 86 14.86 21.15 5.13
N LEU C 87 15.60 20.22 5.73
CA LEU C 87 15.69 20.08 7.18
C LEU C 87 17.05 19.45 7.50
N GLU C 88 17.87 19.31 6.46
CA GLU C 88 19.21 18.74 6.57
C GLU C 88 19.26 17.51 7.47
N LEU C 89 18.43 16.52 7.18
CA LEU C 89 18.39 15.29 7.97
C LEU C 89 19.71 14.53 7.85
N HIS C 90 20.33 14.61 6.67
CA HIS C 90 21.59 13.92 6.43
C HIS C 90 22.69 14.35 7.40
N LYS C 91 22.35 15.26 8.30
CA LYS C 91 23.31 15.76 9.28
C LYS C 91 23.05 15.18 10.67
N PHE C 92 21.77 15.06 11.03
CA PHE C 92 21.37 14.55 12.34
C PHE C 92 21.26 13.03 12.41
N ILE C 93 21.57 12.36 11.30
CA ILE C 93 21.49 10.90 11.25
C ILE C 93 22.37 10.26 12.32
N ARG C 94 22.33 8.93 12.38
CA ARG C 94 23.14 8.17 13.33
C ARG C 94 23.38 6.78 12.78
N ILE C 95 24.53 6.59 12.15
CA ILE C 95 24.89 5.31 11.55
C ILE C 95 26.04 4.58 12.24
N LYS C 96 26.70 3.72 11.48
CA LYS C 96 27.84 2.93 11.94
C LYS C 96 28.51 2.29 10.72
N ARG C 97 28.15 1.03 10.45
CA ARG C 97 28.68 0.25 9.34
C ARG C 97 28.45 0.91 7.97
N GLY C 98 29.53 1.29 7.30
CA GLY C 98 29.40 1.93 5.99
C GLY C 98 28.78 3.31 6.04
N LYS C 99 28.65 3.94 4.88
CA LYS C 99 28.06 5.28 4.79
C LYS C 99 26.55 5.26 4.59
N ILE C 100 25.97 6.42 4.29
CA ILE C 100 24.52 6.57 4.12
C ILE C 100 23.99 6.42 2.69
N ASN C 101 22.67 6.54 2.54
CA ASN C 101 21.98 6.45 1.23
C ASN C 101 20.63 7.17 1.29
N GLU C 102 20.10 7.52 0.13
CA GLU C 102 18.82 8.22 0.01
C GLU C 102 17.69 7.45 0.67
N THR C 103 17.69 6.14 0.50
CA THR C 103 16.66 5.30 1.09
C THR C 103 16.54 5.59 2.58
N ILE C 104 17.64 5.42 3.30
CA ILE C 104 17.65 5.67 4.74
C ILE C 104 17.11 7.05 5.09
N ILE C 105 17.44 8.04 4.27
CA ILE C 105 16.95 9.40 4.50
C ILE C 105 15.42 9.40 4.48
N GLY C 106 14.84 8.60 3.59
CA GLY C 106 13.39 8.53 3.51
C GLY C 106 12.81 7.87 4.75
N ASP C 107 13.38 6.75 5.14
CA ASP C 107 12.91 6.02 6.31
C ASP C 107 12.98 6.90 7.55
N VAL C 108 14.12 7.52 7.78
CA VAL C 108 14.28 8.41 8.92
C VAL C 108 13.33 9.60 8.88
N PHE C 109 12.91 10.02 7.67
CA PHE C 109 11.97 11.12 7.53
C PHE C 109 10.63 10.70 8.09
N GLU C 110 10.14 9.54 7.64
CA GLU C 110 8.86 9.03 8.13
C GLU C 110 9.00 8.66 9.60
N ALA C 111 10.16 8.11 9.95
CA ALA C 111 10.43 7.72 11.33
C ALA C 111 10.46 8.97 12.22
N LEU C 112 10.71 10.12 11.60
CA LEU C 112 10.77 11.38 12.32
C LEU C 112 9.37 11.82 12.77
N TRP C 113 8.47 12.02 11.81
CA TRP C 113 7.11 12.45 12.11
C TRP C 113 6.36 11.43 12.95
N ALA C 114 6.82 10.18 12.93
CA ALA C 114 6.19 9.14 13.72
C ALA C 114 6.43 9.50 15.16
N ALA C 115 7.62 10.01 15.44
CA ALA C 115 8.02 10.46 16.76
C ALA C 115 7.19 11.65 17.20
N VAL C 116 7.20 12.71 16.38
CA VAL C 116 6.44 13.91 16.68
C VAL C 116 5.01 13.53 17.06
N TYR C 117 4.41 12.67 16.25
CA TYR C 117 3.04 12.21 16.48
C TYR C 117 2.84 11.69 17.90
N ILE C 118 3.68 10.75 18.31
CA ILE C 118 3.58 10.18 19.65
C ILE C 118 4.01 11.18 20.72
N ASP C 119 5.03 11.97 20.40
CA ASP C 119 5.57 12.96 21.33
C ASP C 119 4.51 13.99 21.73
N SER C 120 3.74 14.47 20.76
CA SER C 120 2.71 15.46 21.04
C SER C 120 1.52 14.82 21.74
N GLY C 121 1.55 13.50 21.87
CA GLY C 121 0.46 12.79 22.51
C GLY C 121 -0.53 12.22 21.53
N ARG C 122 -0.03 11.59 20.47
CA ARG C 122 -0.87 10.98 19.45
C ARG C 122 -1.83 12.02 18.84
N ASP C 123 -1.41 13.28 18.85
CA ASP C 123 -2.24 14.35 18.31
C ASP C 123 -2.09 14.44 16.79
N ALA C 124 -3.04 13.83 16.07
CA ALA C 124 -3.00 13.85 14.61
C ALA C 124 -3.21 15.25 14.05
N ASN C 125 -4.41 15.79 14.24
CA ASN C 125 -4.75 17.12 13.75
C ASN C 125 -3.61 18.11 13.94
N PHE C 126 -2.91 17.99 15.05
CA PHE C 126 -1.78 18.87 15.33
C PHE C 126 -0.66 18.59 14.33
N THR C 127 -0.03 17.43 14.46
CA THR C 127 1.06 17.03 13.58
C THR C 127 0.74 17.31 12.12
N ARG C 128 -0.54 17.20 11.76
CA ARG C 128 -0.97 17.44 10.39
C ARG C 128 -0.59 18.85 9.95
N GLU C 129 -1.11 19.85 10.67
CA GLU C 129 -0.82 21.24 10.36
C GLU C 129 0.66 21.52 10.49
N LEU C 130 1.29 20.91 11.48
CA LEU C 130 2.71 21.09 11.70
C LEU C 130 3.45 20.55 10.48
N PHE C 131 2.79 19.67 9.73
CA PHE C 131 3.39 19.08 8.54
C PHE C 131 3.18 19.99 7.32
N TYR C 132 1.99 20.54 7.21
CA TYR C 132 1.68 21.43 6.09
C TYR C 132 2.37 22.78 6.25
N LYS C 133 2.67 23.14 7.49
CA LYS C 133 3.32 24.41 7.78
C LYS C 133 4.60 24.57 6.96
N LEU C 134 5.36 23.48 6.81
CA LEU C 134 6.60 23.55 6.05
C LEU C 134 6.71 22.54 4.91
N PHE C 135 5.61 22.28 4.23
CA PHE C 135 5.59 21.34 3.11
C PHE C 135 4.40 21.53 2.19
N LYS C 136 3.27 21.94 2.78
CA LYS C 136 2.03 22.15 2.01
C LYS C 136 2.27 22.82 0.66
N GLU C 137 3.01 23.91 0.67
CA GLU C 137 3.31 24.63 -0.57
C GLU C 137 4.23 23.78 -1.44
N ASP C 138 5.23 23.15 -0.80
CA ASP C 138 6.19 22.31 -1.50
C ASP C 138 5.48 21.18 -2.24
N ILE C 139 4.39 20.67 -1.65
CA ILE C 139 3.63 19.59 -2.25
C ILE C 139 2.70 20.10 -3.34
N LEU C 140 1.81 21.02 -2.97
CA LEU C 140 0.85 21.58 -3.90
C LEU C 140 1.51 22.07 -5.19
N SER C 141 2.78 22.44 -5.10
CA SER C 141 3.52 22.91 -6.27
C SER C 141 3.78 21.73 -7.19
N ALA C 142 4.25 20.63 -6.61
CA ALA C 142 4.53 19.41 -7.37
C ALA C 142 3.28 19.02 -8.15
N ILE C 143 2.13 19.18 -7.51
CA ILE C 143 0.85 18.87 -8.11
C ILE C 143 0.56 19.85 -9.25
N LYS C 144 0.47 21.13 -8.90
CA LYS C 144 0.20 22.17 -9.88
C LYS C 144 1.07 21.98 -11.11
N GLU C 145 2.33 21.61 -10.89
CA GLU C 145 3.25 21.38 -11.99
C GLU C 145 2.78 20.15 -12.77
N GLY C 146 2.62 19.04 -12.07
CA GLY C 146 2.18 17.82 -12.71
C GLY C 146 3.20 16.71 -12.58
N ARG C 147 3.99 16.75 -11.51
CA ARG C 147 5.01 15.75 -11.27
C ARG C 147 4.36 14.40 -10.99
N VAL C 148 4.62 13.43 -11.86
CA VAL C 148 4.05 12.10 -11.71
C VAL C 148 5.13 11.03 -11.70
N LYS C 149 4.72 9.77 -11.82
CA LYS C 149 5.66 8.66 -11.83
C LYS C 149 5.33 7.66 -12.94
N LYS C 150 5.64 8.06 -14.16
CA LYS C 150 5.40 7.26 -15.36
C LYS C 150 5.13 5.77 -15.12
N ASP C 151 4.20 5.21 -15.87
CA ASP C 151 3.86 3.79 -15.73
C ASP C 151 4.86 2.92 -16.51
N TYR C 152 4.67 1.61 -16.43
CA TYR C 152 5.55 0.66 -17.07
C TYR C 152 5.55 0.69 -18.60
N LYS C 153 4.37 0.75 -19.21
CA LYS C 153 4.31 0.78 -20.67
C LYS C 153 5.05 2.00 -21.22
N THR C 154 4.91 3.14 -20.52
CA THR C 154 5.59 4.37 -20.95
C THR C 154 7.09 4.21 -20.75
N ILE C 155 7.49 3.81 -19.54
CA ILE C 155 8.91 3.60 -19.23
C ILE C 155 9.54 2.71 -20.28
N LEU C 156 8.89 1.59 -20.60
CA LEU C 156 9.41 0.68 -21.61
C LEU C 156 9.44 1.40 -22.95
N GLN C 157 8.45 2.28 -23.14
CA GLN C 157 8.29 3.07 -24.36
C GLN C 157 9.52 3.95 -24.60
N GLU C 158 9.90 4.71 -23.58
CA GLU C 158 11.05 5.61 -23.68
C GLU C 158 12.35 4.84 -23.90
N ILE C 159 12.52 3.77 -23.14
CA ILE C 159 13.72 2.94 -23.25
C ILE C 159 13.92 2.43 -24.68
N THR C 160 13.01 1.57 -25.12
CA THR C 160 13.08 0.98 -26.45
C THR C 160 13.32 1.99 -27.57
N GLN C 161 12.90 3.23 -27.36
CA GLN C 161 13.09 4.27 -28.36
C GLN C 161 14.48 4.92 -28.27
N LYS C 162 14.98 5.07 -27.05
CA LYS C 162 16.29 5.67 -26.84
C LYS C 162 17.39 4.61 -26.90
N ARG C 163 17.18 3.57 -27.69
CA ARG C 163 18.16 2.50 -27.79
C ARG C 163 18.05 1.75 -29.11
N TRP C 164 16.91 1.92 -29.78
CA TRP C 164 16.65 1.27 -31.06
C TRP C 164 15.73 2.16 -31.89
N LYS C 165 15.27 3.24 -31.28
CA LYS C 165 14.39 4.18 -31.96
C LYS C 165 13.12 3.46 -32.41
N GLU C 166 12.85 2.30 -31.81
CA GLU C 166 11.68 1.51 -32.15
C GLU C 166 10.81 1.30 -30.92
N ARG C 167 9.55 0.90 -31.14
CA ARG C 167 8.61 0.68 -30.05
C ARG C 167 8.31 -0.80 -29.85
N PRO C 168 7.77 -1.16 -28.69
CA PRO C 168 7.42 -2.56 -28.40
C PRO C 168 6.10 -2.93 -29.06
N GLU C 169 5.86 -4.22 -29.22
CA GLU C 169 4.62 -4.71 -29.82
C GLU C 169 3.88 -5.62 -28.84
N TYR C 170 2.62 -5.29 -28.56
CA TYR C 170 1.79 -6.06 -27.64
C TYR C 170 0.71 -6.86 -28.37
N ARG C 171 0.68 -8.18 -28.17
CA ARG C 171 -0.31 -9.04 -28.80
C ARG C 171 -1.05 -9.90 -27.79
N LEU C 172 -2.39 -9.92 -27.87
CA LEU C 172 -3.18 -10.73 -26.95
C LEU C 172 -3.11 -12.19 -27.41
N ILE C 173 -2.73 -13.07 -26.50
CA ILE C 173 -2.60 -14.49 -26.82
C ILE C 173 -3.82 -15.30 -26.40
N SER C 174 -4.50 -14.87 -25.33
CA SER C 174 -5.68 -15.59 -24.86
C SER C 174 -6.50 -14.83 -23.83
N VAL C 175 -7.75 -15.22 -23.70
CA VAL C 175 -8.68 -14.60 -22.74
C VAL C 175 -9.42 -15.75 -22.05
N GLU C 176 -8.70 -16.46 -21.18
CA GLU C 176 -9.24 -17.60 -20.46
C GLU C 176 -10.30 -17.23 -19.42
N GLY C 177 -10.97 -18.25 -18.89
CA GLY C 177 -11.99 -18.04 -17.88
C GLY C 177 -13.38 -17.74 -18.40
N PRO C 178 -14.40 -17.73 -17.50
CA PRO C 178 -15.80 -17.46 -17.85
C PRO C 178 -16.02 -15.99 -18.21
N HIS C 179 -17.03 -15.73 -19.04
CA HIS C 179 -17.34 -14.38 -19.49
C HIS C 179 -17.53 -13.33 -18.38
N HIS C 180 -17.74 -13.78 -17.14
CA HIS C 180 -17.94 -12.84 -16.03
C HIS C 180 -16.70 -12.70 -15.16
N LYS C 181 -15.63 -13.41 -15.53
CA LYS C 181 -14.37 -13.36 -14.80
C LYS C 181 -13.23 -13.78 -15.71
N LYS C 182 -13.25 -13.23 -16.93
CA LYS C 182 -12.23 -13.52 -17.93
C LYS C 182 -10.93 -12.80 -17.63
N LYS C 183 -9.81 -13.45 -17.94
CA LYS C 183 -8.50 -12.87 -17.72
C LYS C 183 -7.73 -12.85 -19.03
N PHE C 184 -7.15 -11.71 -19.37
CA PHE C 184 -6.41 -11.58 -20.61
C PHE C 184 -4.93 -11.94 -20.45
N ILE C 185 -4.33 -12.37 -21.55
CA ILE C 185 -2.92 -12.75 -21.57
C ILE C 185 -2.28 -12.14 -22.81
N VAL C 186 -1.56 -11.03 -22.61
CA VAL C 186 -0.89 -10.35 -23.71
C VAL C 186 0.60 -10.69 -23.75
N GLU C 187 1.22 -10.42 -24.90
CA GLU C 187 2.64 -10.69 -25.07
C GLU C 187 3.39 -9.45 -25.52
N ALA C 188 4.32 -9.00 -24.69
CA ALA C 188 5.14 -7.83 -24.99
C ALA C 188 6.38 -8.28 -25.74
N LYS C 189 6.74 -7.57 -26.79
CA LYS C 189 7.91 -7.93 -27.58
C LYS C 189 8.64 -6.71 -28.14
N ILE C 190 9.96 -6.85 -28.27
CA ILE C 190 10.84 -5.81 -28.78
C ILE C 190 12.13 -6.46 -29.19
N LYS C 191 12.35 -6.53 -30.48
CA LYS C 191 13.52 -7.17 -30.96
C LYS C 191 13.41 -8.63 -30.59
N GLU C 192 14.39 -9.09 -29.88
CA GLU C 192 14.37 -10.46 -29.54
C GLU C 192 14.10 -10.69 -28.06
N TYR C 193 13.21 -9.90 -27.48
CA TYR C 193 12.85 -10.05 -26.06
C TYR C 193 11.34 -10.14 -25.93
N ARG C 194 10.85 -11.19 -25.29
CA ARG C 194 9.41 -11.38 -25.10
C ARG C 194 9.08 -11.71 -23.64
N THR C 195 7.86 -11.36 -23.24
CA THR C 195 7.37 -11.62 -21.90
C THR C 195 5.86 -11.73 -21.94
N LEU C 196 5.28 -12.30 -20.88
CA LEU C 196 3.83 -12.47 -20.81
C LEU C 196 3.26 -11.73 -19.61
N GLY C 197 1.96 -11.46 -19.66
CA GLY C 197 1.32 -10.76 -18.55
C GLY C 197 -0.15 -11.11 -18.42
N GLU C 198 -0.56 -11.46 -17.20
CA GLU C 198 -1.95 -11.81 -16.93
C GLU C 198 -2.66 -10.58 -16.39
N GLY C 199 -3.85 -10.31 -16.90
CA GLY C 199 -4.59 -9.14 -16.43
C GLY C 199 -6.09 -9.23 -16.59
N LYS C 200 -6.80 -8.55 -15.71
CA LYS C 200 -8.25 -8.52 -15.72
C LYS C 200 -8.72 -7.84 -17.00
N SER C 201 -7.84 -7.07 -17.61
CA SER C 201 -8.15 -6.35 -18.85
C SER C 201 -6.99 -6.49 -19.82
N LYS C 202 -7.11 -5.90 -21.01
CA LYS C 202 -6.03 -5.98 -21.98
C LYS C 202 -4.88 -5.09 -21.54
N LYS C 203 -5.20 -3.83 -21.21
CA LYS C 203 -4.19 -2.88 -20.77
C LYS C 203 -3.49 -3.36 -19.51
N GLU C 204 -4.26 -3.83 -18.53
CA GLU C 204 -3.68 -4.33 -17.28
C GLU C 204 -2.68 -5.44 -17.59
N ALA C 205 -3.05 -6.30 -18.54
CA ALA C 205 -2.20 -7.41 -18.93
C ALA C 205 -0.90 -6.88 -19.53
N GLU C 206 -1.02 -5.84 -20.34
CA GLU C 206 0.14 -5.23 -20.99
C GLU C 206 1.09 -4.60 -19.97
N GLN C 207 0.56 -3.81 -19.04
CA GLN C 207 1.38 -3.18 -18.02
C GLN C 207 2.25 -4.24 -17.37
N ARG C 208 1.69 -5.44 -17.21
CA ARG C 208 2.41 -6.55 -16.61
C ARG C 208 3.55 -6.98 -17.54
N ALA C 209 3.17 -7.42 -18.74
CA ALA C 209 4.15 -7.87 -19.72
C ALA C 209 5.27 -6.86 -19.88
N ALA C 210 4.92 -5.58 -19.72
CA ALA C 210 5.90 -4.50 -19.84
C ALA C 210 6.87 -4.55 -18.66
N GLU C 211 6.33 -4.41 -17.45
CA GLU C 211 7.13 -4.43 -16.24
C GLU C 211 8.12 -5.60 -16.23
N GLU C 212 7.79 -6.66 -16.93
CA GLU C 212 8.66 -7.83 -16.99
C GLU C 212 9.73 -7.63 -18.06
N LEU C 213 9.36 -6.94 -19.13
CA LEU C 213 10.29 -6.68 -20.22
C LEU C 213 11.33 -5.63 -19.81
N ILE C 214 10.90 -4.68 -18.97
CA ILE C 214 11.80 -3.64 -18.49
C ILE C 214 12.90 -4.28 -17.66
N LYS C 215 12.54 -5.30 -16.88
CA LYS C 215 13.50 -6.00 -16.04
C LYS C 215 14.42 -6.87 -16.90
N LEU C 216 13.93 -7.25 -18.09
CA LEU C 216 14.75 -8.05 -18.99
C LEU C 216 15.79 -7.13 -19.59
N LEU C 217 15.34 -5.95 -20.01
CA LEU C 217 16.23 -4.94 -20.59
C LEU C 217 17.10 -4.39 -19.45
N GLU C 218 16.49 -4.27 -18.28
CA GLU C 218 17.17 -3.77 -17.09
C GLU C 218 18.44 -4.57 -16.85
N GLU C 219 18.51 -5.77 -17.43
CA GLU C 219 19.67 -6.64 -17.28
C GLU C 219 20.92 -5.95 -17.83
N SER C 220 21.09 -6.00 -19.15
CA SER C 220 22.24 -5.37 -19.79
C SER C 220 22.13 -5.51 -21.31
#